data_2M11
#
_entry.id   2M11
#
_cell.length_a   1.000
_cell.length_b   1.000
_cell.length_c   1.000
_cell.angle_alpha   90.00
_cell.angle_beta   90.00
_cell.angle_gamma   90.00
#
_symmetry.space_group_name_H-M   'P 1'
#
_entity_poly.entity_id   1
_entity_poly.type   'polydeoxyribonucleotide'
_entity_poly.pdbx_seq_one_letter_code
;(DC)(DG)(DC)(DG)(DA)(DA)(DT)(DT)(D3N)(DG)(DC)(DG)
;
_entity_poly.pdbx_strand_id   A,B
#
loop_
_chem_comp.id
_chem_comp.type
_chem_comp.name
_chem_comp.formula
D3N DNA linking 1-(2-deoxy-5-O-phosphono-beta-D-erythro-pentofuranosyl)-1H-perimidin-2(3H)-one 'C16 H17 N2 O7 P'
DA DNA linking 2'-DEOXYADENOSINE-5'-MONOPHOSPHATE 'C10 H14 N5 O6 P'
DC DNA linking 2'-DEOXYCYTIDINE-5'-MONOPHOSPHATE 'C9 H14 N3 O7 P'
DG DNA linking 2'-DEOXYGUANOSINE-5'-MONOPHOSPHATE 'C10 H14 N5 O7 P'
DT DNA linking THYMIDINE-5'-MONOPHOSPHATE 'C10 H15 N2 O8 P'
#
# COMPACT_ATOMS: atom_id res chain seq x y z
O1P D3N A 9 5.64 -7.42 2.46
P D3N A 9 5.67 -6.58 1.24
O2P D3N A 9 6.01 -7.21 -0.05
O5' D3N A 9 6.70 -5.34 1.50
C5' D3N A 9 6.83 -4.29 0.56
C4' D3N A 9 7.54 -3.07 1.12
O4' D3N A 9 6.79 -2.42 2.14
C3' D3N A 9 8.92 -3.34 1.73
O3' D3N A 9 9.93 -3.29 0.73
C2' D3N A 9 9.04 -2.22 2.77
C1' D3N A 9 7.68 -1.50 2.71
N1 D3N A 9 7.23 -0.97 4.03
C2 D3N A 9 7.34 0.39 4.16
O2 D3N A 9 7.97 1.11 3.39
N3 D3N A 9 6.72 0.96 5.21
C4 D3N A 9 6.20 0.25 6.27
C5 D3N A 9 6.26 -1.15 6.24
C6 D3N A 9 6.77 -1.78 5.08
C7 D3N A 9 6.85 -3.19 5.08
C8 D3N A 9 6.53 -3.92 6.24
C9 D3N A 9 5.98 -3.27 7.35
C10 D3N A 9 5.85 -1.88 7.36
C11 D3N A 9 5.40 -1.22 8.51
C12 D3N A 9 5.35 0.18 8.53
C13 D3N A 9 5.72 0.92 7.41
H3 D3N A 9 5.85 -3.98 0.20
H4 D3N A 9 7.40 -4.64 -0.30
H5 D3N A 9 7.67 -2.35 0.31
H6 D3N A 9 8.91 -4.30 2.23
H8 D3N A 9 9.82 -1.51 2.50
H9 D3N A 9 9.22 -2.65 3.75
H10 D3N A 9 7.80 -0.69 2.00
H11 D3N A 9 6.79 1.96 5.28
H12 D3N A 9 7.08 -3.73 4.18
H13 D3N A 9 6.67 -4.98 6.27
H14 D3N A 9 5.70 -3.85 8.21
H15 D3N A 9 5.06 -1.79 9.36
H16 D3N A 9 4.99 0.68 9.41
H17 D3N A 9 5.61 1.99 7.41
O1P D3N B 9 -7.35 -2.85 -6.36
P D3N B 9 -7.31 -3.05 -4.89
O2P D3N B 9 -7.84 -4.31 -4.31
O5' D3N B 9 -8.11 -1.81 -4.20
C5' D3N B 9 -8.15 -1.66 -2.79
C4' D3N B 9 -8.59 -0.27 -2.33
O4' D3N B 9 -7.67 0.75 -2.71
C3' D3N B 9 -9.95 0.19 -2.87
O3' D3N B 9 -11.01 -0.28 -2.04
C2' D3N B 9 -9.80 1.71 -2.87
C1' D3N B 9 -8.35 1.95 -2.45
N1 D3N B 9 -7.72 3.11 -3.14
C2 D3N B 9 -7.59 4.23 -2.34
O2 D3N B 9 -8.14 4.36 -1.25
N3 D3N B 9 -6.80 5.24 -2.80
C4 D3N B 9 -6.36 5.32 -4.10
C5 D3N B 9 -6.67 4.28 -4.98
C6 D3N B 9 -7.35 3.14 -4.49
C7 D3N B 9 -7.70 2.13 -5.41
C8 D3N B 9 -7.45 2.31 -6.79
C9 D3N B 9 -6.75 3.42 -7.25
C10 D3N B 9 -6.34 4.40 -6.35
C11 D3N B 9 -5.71 5.56 -6.81
C12 D3N B 9 -5.39 6.59 -5.92
C13 D3N B 9 -5.68 6.45 -4.56
H3 D3N B 9 -7.16 -1.84 -2.36
H4 D3N B 9 -8.84 -2.40 -2.37
H5 D3N B 9 -8.66 -0.29 -1.24
H6 D3N B 9 -10.06 -0.17 -3.88
H8 D3N B 9 -10.45 2.18 -2.15
H9 D3N B 9 -10.01 2.09 -3.86
H10 D3N B 9 -8.34 2.10 -1.38
H11 D3N B 9 -6.67 6.02 -2.17
H12 D3N B 9 -8.02 1.15 -5.07
H13 D3N B 9 -7.81 1.57 -7.49
H14 D3N B 9 -6.57 3.54 -8.31
H15 D3N B 9 -5.45 5.65 -7.85
H16 D3N B 9 -4.92 7.48 -6.29
H17 D3N B 9 -5.41 7.25 -3.88
O1P D3N A 9 8.92 -3.84 -4.39
P D3N A 9 8.78 -3.52 -2.96
O2P D3N A 9 9.52 -4.38 -1.97
O5' D3N A 9 9.28 -2.00 -2.73
C5' D3N A 9 8.71 -0.90 -3.43
C4' D3N A 9 9.07 0.45 -2.81
O4' D3N A 9 8.57 0.65 -1.49
C3' D3N A 9 10.57 0.69 -2.69
O3' D3N A 9 11.09 1.31 -3.86
C2' D3N A 9 10.67 1.62 -1.47
C1' D3N A 9 9.23 1.77 -0.99
N1 D3N A 9 9.08 1.94 0.49
C2 D3N A 9 8.74 3.22 0.87
O2 D3N A 9 8.81 4.21 0.15
N3 D3N A 9 8.39 3.42 2.18
C4 D3N A 9 8.50 2.44 3.14
C5 D3N A 9 9.03 1.19 2.80
C6 D3N A 9 9.29 0.93 1.43
C7 D3N A 9 9.82 -0.34 1.10
C8 D3N A 9 10.16 -1.26 2.11
C9 D3N A 9 9.84 -1.01 3.45
C10 D3N A 9 9.28 0.24 3.80
C11 D3N A 9 9.09 0.58 5.15
C12 D3N A 9 8.51 1.80 5.48
C13 D3N A 9 8.22 2.76 4.50
H3 D3N A 9 7.63 -0.99 -3.47
H4 D3N A 9 9.07 -0.94 -4.46
H5 D3N A 9 8.65 1.24 -3.44
H6 D3N A 9 11.07 -0.25 -2.45
H8 D3N A 9 11.07 2.59 -1.75
H9 D3N A 9 11.28 1.11 -0.72
H10 D3N A 9 8.81 2.63 -1.52
H11 D3N A 9 8.13 4.36 2.42
H12 D3N A 9 9.90 -0.66 0.07
H13 D3N A 9 10.72 -2.16 1.89
H14 D3N A 9 10.07 -1.72 4.23
H15 D3N A 9 9.35 -0.12 5.93
H16 D3N A 9 8.31 2.04 6.51
H17 D3N A 9 7.79 3.71 4.76
O1P D3N B 9 -6.07 -5.65 -4.20
P D3N B 9 -6.23 -4.23 -4.61
O2P D3N B 9 -6.86 -3.91 -5.92
O5' D3N B 9 -7.09 -3.47 -3.43
C5' D3N B 9 -6.70 -3.53 -2.07
C4' D3N B 9 -7.40 -2.47 -1.19
O4' D3N B 9 -6.98 -1.14 -1.48
C3' D3N B 9 -8.93 -2.45 -1.29
O3' D3N B 9 -9.51 -3.44 -0.44
C2' D3N B 9 -9.27 -1.00 -0.88
C1' D3N B 9 -7.89 -0.32 -0.79
N1 D3N B 9 -7.91 1.09 -1.28
C2 D3N B 9 -7.82 2.05 -0.30
O2 D3N B 9 -7.96 1.83 0.90
N3 D3N B 9 -7.61 3.34 -0.69
C4 D3N B 9 -7.65 3.75 -1.99
C5 D3N B 9 -7.92 2.80 -2.99
C6 D3N B 9 -8.05 1.44 -2.64
C7 D3N B 9 -8.41 0.50 -3.65
C8 D3N B 9 -8.76 0.97 -4.92
C9 D3N B 9 -8.56 2.30 -5.29
C10 D3N B 9 -8.14 3.24 -4.31
C11 D3N B 9 -8.08 4.60 -4.62
C12 D3N B 9 -7.77 5.53 -3.62
C13 D3N B 9 -7.54 5.11 -2.32
H3 D3N B 9 -5.62 -3.34 -1.97
H4 D3N B 9 -6.92 -4.52 -1.69
H5 D3N B 9 -7.16 -2.69 -0.14
H6 D3N B 9 -9.22 -2.59 -2.33
H8 D3N B 9 -9.72 -0.96 0.11
H9 D3N B 9 -9.91 -0.55 -1.65
H10 D3N B 9 -7.58 -0.32 0.26
H11 D3N B 9 -7.51 4.02 0.07
H12 D3N B 9 -8.16 -0.54 -3.52
H13 D3N B 9 -9.08 0.26 -5.67
H14 D3N B 9 -8.78 2.62 -6.29
H15 D3N B 9 -8.27 4.93 -5.63
H16 D3N B 9 -7.66 6.57 -3.89
H17 D3N B 9 -7.29 5.84 -1.56
O1P D3N A 9 8.12 -3.97 -4.35
P D3N A 9 8.14 -3.70 -2.88
O2P D3N A 9 8.75 -4.72 -1.99
O5' D3N A 9 8.86 -2.27 -2.59
C5' D3N A 9 8.38 -1.07 -3.17
C4' D3N A 9 8.90 0.22 -2.54
O4' D3N A 9 8.39 0.46 -1.24
C3' D3N A 9 10.43 0.27 -2.38
O3' D3N A 9 11.02 0.71 -3.62
C2' D3N A 9 10.60 1.24 -1.21
C1' D3N A 9 9.16 1.52 -0.74
N1 D3N A 9 9.04 1.71 0.73
C2 D3N A 9 8.78 3.01 1.12
O2 D3N A 9 8.90 3.97 0.38
N3 D3N A 9 8.43 3.21 2.42
C4 D3N A 9 8.50 2.24 3.39
C5 D3N A 9 8.89 0.93 3.03
C6 D3N A 9 9.16 0.67 1.68
C7 D3N A 9 9.60 -0.65 1.34
C8 D3N A 9 9.95 -1.57 2.35
C9 D3N A 9 9.62 -1.28 3.69
C10 D3N A 9 9.06 -0.05 4.04
C11 D3N A 9 8.91 0.31 5.40
C12 D3N A 9 8.52 1.61 5.75
C13 D3N A 9 8.23 2.55 4.74
H3 D3N A 9 7.29 -1.03 -3.12
H4 D3N A 9 8.64 -1.06 -4.23
H5 D3N A 9 8.58 1.03 -3.19
H6 D3N A 9 10.79 -0.70 -2.07
H8 D3N A 9 11.09 2.16 -1.51
H9 D3N A 9 11.20 0.76 -0.43
H10 D3N A 9 8.82 2.40 -1.30
H11 D3N A 9 8.18 4.16 2.68
H12 D3N A 9 9.69 -0.96 0.31
H13 D3N A 9 10.39 -2.51 2.10
H14 D3N A 9 9.81 -2.04 4.44
H15 D3N A 9 9.16 -0.41 6.17
H16 D3N A 9 8.43 1.89 6.79
H17 D3N A 9 7.94 3.55 5.02
O1P D3N B 9 -5.91 -5.67 -3.59
P D3N B 9 -5.97 -4.27 -4.05
O2P D3N B 9 -6.47 -3.97 -5.42
O5' D3N B 9 -6.86 -3.44 -2.98
C5' D3N B 9 -6.50 -3.35 -1.62
C4' D3N B 9 -7.22 -2.24 -0.86
O4' D3N B 9 -6.86 -0.94 -1.29
C3' D3N B 9 -8.75 -2.31 -0.94
O3' D3N B 9 -9.27 -3.16 0.06
C2' D3N B 9 -9.15 -0.84 -0.77
C1' D3N B 9 -7.82 -0.11 -0.65
N1 D3N B 9 -7.84 1.27 -1.20
C2 D3N B 9 -7.88 2.26 -0.24
O2 D3N B 9 -8.14 2.05 0.93
N3 D3N B 9 -7.63 3.52 -0.65
C4 D3N B 9 -7.62 3.92 -1.96
C5 D3N B 9 -7.79 2.93 -2.95
C6 D3N B 9 -7.88 1.59 -2.56
C7 D3N B 9 -8.07 0.63 -3.58
C8 D3N B 9 -8.31 1.02 -4.90
C9 D3N B 9 -8.27 2.36 -5.27
C10 D3N B 9 -7.94 3.31 -4.30
C11 D3N B 9 -7.88 4.69 -4.64
C12 D3N B 9 -7.67 5.64 -3.64
C13 D3N B 9 -7.46 5.26 -2.30
H3 D3N B 9 -5.44 -3.12 -1.54
H4 D3N B 9 -6.69 -4.31 -1.12
H5 D3N B 9 -6.96 -2.34 0.19
H6 D3N B 9 -9.00 -2.68 -1.94
H8 D3N B 9 -9.72 -0.66 0.14
H9 D3N B 9 -9.73 -0.50 -1.62
H10 D3N B 9 -7.57 -0.07 0.41
H11 D3N B 9 -7.59 4.21 0.09
H12 D3N B 9 -7.94 -0.42 -3.36
H13 D3N B 9 -8.53 0.26 -5.64
H14 D3N B 9 -8.46 2.65 -6.29
H15 D3N B 9 -7.98 4.99 -5.67
H16 D3N B 9 -7.63 6.68 -3.95
H17 D3N B 9 -7.25 6.02 -1.56
O1P D3N A 9 8.03 -5.00 -2.51
P D3N A 9 7.95 -4.53 -1.12
O2P D3N A 9 8.48 -5.39 -0.03
O5' D3N A 9 8.64 -3.07 -1.02
C5' D3N A 9 8.19 -1.97 -1.80
C4' D3N A 9 8.71 -0.64 -1.29
O4' D3N A 9 8.15 -0.28 -0.04
C3' D3N A 9 10.23 -0.57 -1.08
O3' D3N A 9 10.88 -0.22 -2.30
C2' D3N A 9 10.34 0.50 0.00
C1' D3N A 9 8.89 0.82 0.41
N1 D3N A 9 8.73 1.09 1.85
C2 D3N A 9 8.52 2.40 2.13
O2 D3N A 9 8.73 3.32 1.36
N3 D3N A 9 8.12 2.66 3.38
C4 D3N A 9 8.11 1.78 4.43
C5 D3N A 9 8.53 0.48 4.18
C6 D3N A 9 8.84 0.11 2.86
C7 D3N A 9 9.33 -1.19 2.63
C8 D3N A 9 9.53 -2.07 3.71
C9 D3N A 9 9.15 -1.70 5.00
C10 D3N A 9 8.66 -0.41 5.26
C11 D3N A 9 8.37 0.00 6.58
C12 D3N A 9 7.96 1.32 6.78
C13 D3N A 9 7.77 2.21 5.72
H3 D3N A 9 7.10 -1.93 -1.83
H4 D3N A 9 8.54 -2.10 -2.83
H5 D3N A 9 8.45 0.11 -2.03
H6 D3N A 9 10.60 -1.52 -0.70
H8 D3N A 9 10.79 1.40 -0.40
H9 D3N A 9 10.91 0.12 0.85
H10 D3N A 9 8.59 1.68 -0.19
H11 D3N A 9 7.94 3.64 3.57
H12 D3N A 9 9.34 -1.61 1.63
H13 D3N A 9 9.97 -3.04 3.57
H14 D3N A 9 9.32 -2.38 5.82
H15 D3N A 9 8.39 -0.69 7.40
H16 D3N A 9 7.70 1.64 7.79
H17 D3N A 9 7.29 3.16 5.88
O1P D3N B 9 -6.12 -5.79 -2.90
P D3N B 9 -6.08 -4.42 -3.50
O2P D3N B 9 -6.56 -4.23 -4.89
O5' D3N B 9 -6.99 -3.47 -2.57
C5' D3N B 9 -6.76 -3.33 -1.17
C4' D3N B 9 -7.46 -2.11 -0.57
O4' D3N B 9 -7.00 -0.90 -1.17
C3' D3N B 9 -8.98 -2.11 -0.70
O3' D3N B 9 -9.61 -2.78 0.39
C2' D3N B 9 -9.29 -0.62 -0.76
C1' D3N B 9 -7.93 0.06 -0.70
N1 D3N B 9 -7.83 1.36 -1.44
C2 D3N B 9 -7.80 2.47 -0.63
O2 D3N B 9 -8.07 2.48 0.54
N3 D3N B 9 -7.45 3.65 -1.23
C4 D3N B 9 -7.32 3.83 -2.58
C5 D3N B 9 -7.53 2.72 -3.41
C6 D3N B 9 -7.78 1.45 -2.83
C7 D3N B 9 -7.99 0.36 -3.71
C8 D3N B 9 -8.12 0.57 -5.08
C9 D3N B 9 -7.85 1.82 -5.63
C10 D3N B 9 -7.53 2.89 -4.80
C11 D3N B 9 -7.34 4.17 -5.36
C12 D3N B 9 -7.16 5.31 -4.53
C13 D3N B 9 -7.10 5.12 -3.14
H3 D3N B 9 -5.70 -3.19 -0.98
H4 D3N B 9 -7.09 -4.25 -0.67
H5 D3N B 9 -7.23 -2.10 0.48
H6 D3N B 9 -9.26 -2.58 -1.65
H8 D3N B 9 -9.90 -0.28 0.09
H9 D3N B 9 -9.82 -0.40 -1.69
H10 D3N B 9 -7.68 0.23 0.35
H11 D3N B 9 -7.35 4.44 -0.60
H12 D3N B 9 -8.00 -0.65 -3.35
H13 D3N B 9 -8.40 -0.26 -5.73
H14 D3N B 9 -7.89 1.93 -6.71
H15 D3N B 9 -7.33 4.30 -6.43
H16 D3N B 9 -7.09 6.29 -4.96
H17 D3N B 9 -6.95 5.98 -2.51
O1P D3N A 9 8.38 -4.92 -2.63
P D3N A 9 8.21 -4.57 -1.19
O2P D3N A 9 8.73 -5.47 -0.15
O5' D3N A 9 8.84 -3.08 -0.99
C5' D3N A 9 8.40 -2.00 -1.79
C4' D3N A 9 8.89 -0.64 -1.24
O4' D3N A 9 8.30 -0.32 0.01
C3' D3N A 9 10.41 -0.57 -1.04
O3' D3N A 9 11.08 -0.13 -2.23
C2' D3N A 9 10.51 0.42 0.11
C1' D3N A 9 9.07 0.75 0.47
N1 D3N A 9 8.88 1.05 1.92
C2 D3N A 9 8.68 2.37 2.23
O2 D3N A 9 8.90 3.31 1.47
N3 D3N A 9 8.20 2.68 3.45
C4 D3N A 9 8.12 1.77 4.48
C5 D3N A 9 8.51 0.43 4.23
C6 D3N A 9 8.90 0.07 2.92
C7 D3N A 9 9.37 -1.26 2.71
C8 D3N A 9 9.50 -2.13 3.79
C9 D3N A 9 8.97 -1.80 5.04
C10 D3N A 9 8.53 -0.49 5.27
C11 D3N A 9 8.13 -0.10 6.57
C12 D3N A 9 7.83 1.25 6.82
C13 D3N A 9 7.78 2.18 5.77
H3 D3N A 9 7.32 -1.97 -1.88
H4 D3N A 9 8.80 -2.11 -2.80
H5 D3N A 9 8.61 0.12 -1.96
H6 D3N A 9 10.78 -1.54 -0.72
H8 D3N A 9 11.02 1.32 -0.22
H9 D3N A 9 11.04 -0.05 0.95
H10 D3N A 9 8.77 1.63 -0.10
H11 D3N A 9 8.01 3.65 3.64
H12 D3N A 9 9.50 -1.68 1.73
H13 D3N A 9 9.96 -3.10 3.65
H14 D3N A 9 9.04 -2.52 5.84
H15 D3N A 9 8.03 -0.82 7.37
H16 D3N A 9 7.50 1.57 7.81
H17 D3N A 9 7.36 3.16 5.93
O1P D3N B 9 -6.43 -5.60 -3.90
P D3N B 9 -6.34 -4.22 -4.42
O2P D3N B 9 -6.76 -3.95 -5.81
O5' D3N B 9 -7.19 -3.29 -3.42
C5' D3N B 9 -6.97 -3.31 -2.02
C4' D3N B 9 -7.62 -2.13 -1.28
O4' D3N B 9 -7.10 -0.89 -1.73
C3' D3N B 9 -9.15 -2.03 -1.44
O3' D3N B 9 -9.81 -2.80 -0.45
C2' D3N B 9 -9.34 -0.51 -1.28
C1' D3N B 9 -7.94 0.07 -1.17
N1 D3N B 9 -7.79 1.41 -1.81
C2 D3N B 9 -7.74 2.46 -0.91
O2 D3N B 9 -8.00 2.38 0.30
N3 D3N B 9 -7.31 3.67 -1.40
C4 D3N B 9 -7.31 3.98 -2.73
C5 D3N B 9 -7.60 2.98 -3.68
C6 D3N B 9 -7.82 1.66 -3.21
C7 D3N B 9 -8.11 0.66 -4.15
C8 D3N B 9 -8.22 1.00 -5.52
C9 D3N B 9 -8.05 2.30 -5.95
C10 D3N B 9 -7.66 3.30 -5.04
C11 D3N B 9 -7.44 4.60 -5.48
C12 D3N B 9 -7.23 5.60 -4.52
C13 D3N B 9 -7.09 5.29 -3.16
H3 D3N B 9 -5.91 -3.31 -1.80
H4 D3N B 9 -7.40 -4.25 -1.64
H5 D3N B 9 -7.42 -2.25 -0.22
H6 D3N B 9 -9.41 -2.32 -2.46
H8 D3N B 9 -9.89 -0.27 -0.37
H9 D3N B 9 -9.88 -0.13 -2.14
H10 D3N B 9 -7.70 0.14 -0.12
H11 D3N B 9 -7.22 4.41 -0.72
H12 D3N B 9 -8.08 -0.39 -3.90
H13 D3N B 9 -8.52 0.24 -6.23
H14 D3N B 9 -8.25 2.59 -6.98
H15 D3N B 9 -7.65 4.87 -6.50
H16 D3N B 9 -7.12 6.62 -4.83
H17 D3N B 9 -6.81 6.06 -2.46
O1P D3N A 9 7.05 -6.45 -1.79
P D3N A 9 7.08 -5.81 -0.44
O2P D3N A 9 7.63 -6.58 0.70
O5' D3N A 9 7.95 -4.43 -0.59
C5' D3N A 9 7.61 -3.43 -1.56
C4' D3N A 9 8.22 -2.06 -1.28
O4' D3N A 9 7.77 -1.51 -0.04
C3' D3N A 9 9.75 -2.04 -1.17
O3' D3N A 9 10.33 -1.89 -2.47
C2' D3N A 9 10.00 -0.86 -0.22
C1' D3N A 9 8.59 -0.40 0.17
N1 D3N A 9 8.52 0.18 1.53
C2 D3N A 9 8.39 1.56 1.57
O2 D3N A 9 8.55 2.30 0.60
N3 D3N A 9 8.09 2.12 2.77
C4 D3N A 9 8.12 1.43 3.95
C5 D3N A 9 8.40 0.06 3.96
C6 D3N A 9 8.56 -0.59 2.70
C7 D3N A 9 8.84 -1.98 2.73
C8 D3N A 9 9.10 -2.63 3.94
C9 D3N A 9 8.95 -1.96 5.17
C10 D3N A 9 8.58 -0.60 5.17
C11 D3N A 9 8.48 0.08 6.39
C12 D3N A 9 8.24 1.47 6.37
C13 D3N A 9 7.94 2.12 5.17
H3 D3N A 9 6.53 -3.31 -1.61
H4 D3N A 9 7.97 -3.74 -2.54
H5 D3N A 9 7.91 -1.39 -2.08
H6 D3N A 9 10.14 -2.96 -0.71
H8 D3N A 9 10.50 -0.04 -0.72
H9 D3N A 9 10.57 -1.20 0.65
H10 D3N A 9 8.30 0.35 -0.56
H11 D3N A 9 7.98 3.12 2.80
H12 D3N A 9 8.95 -2.53 1.80
H13 D3N A 9 9.42 -3.67 3.95
H14 D3N A 9 9.19 -2.48 6.08
H15 D3N A 9 8.66 -0.42 7.33
H16 D3N A 9 8.19 2.00 7.32
H17 D3N A 9 7.66 3.16 5.15
O1P D3N B 9 -7.90 -5.91 -0.76
P D3N B 9 -7.86 -4.66 -1.55
O2P D3N B 9 -8.47 -4.63 -2.90
O5' D3N B 9 -8.53 -3.49 -0.66
C5' D3N B 9 -8.03 -3.17 0.62
C4' D3N B 9 -8.49 -1.81 1.13
O4' D3N B 9 -7.89 -0.71 0.44
C3' D3N B 9 -9.99 -1.52 1.12
O3' D3N B 9 -10.63 -2.05 2.26
C2' D3N B 9 -10.04 0.00 1.06
C1' D3N B 9 -8.58 0.43 0.90
N1 D3N B 9 -8.39 1.57 -0.03
C2 D3N B 9 -8.16 2.76 0.61
O2 D3N B 9 -8.32 2.91 1.82
N3 D3N B 9 -7.77 3.84 -0.15
C4 D3N B 9 -7.84 3.85 -1.51
C5 D3N B 9 -8.27 2.69 -2.18
C6 D3N B 9 -8.55 1.54 -1.42
C7 D3N B 9 -9.11 0.43 -2.11
C8 D3N B 9 -9.38 0.51 -3.49
C9 D3N B 9 -8.93 1.60 -4.24
C10 D3N B 9 -8.41 2.72 -3.58
C11 D3N B 9 -8.21 3.91 -4.29
C12 D3N B 9 -7.80 5.05 -3.61
C13 D3N B 9 -7.55 5.02 -2.23
H3 D3N B 9 -6.95 -3.18 0.63
H4 D3N B 9 -8.32 -3.94 1.34
H5 D3N B 9 -8.19 -1.73 2.17
H6 D3N B 9 -10.44 -1.96 0.23
H8 D3N B 9 -10.40 0.44 1.99
H9 D3N B 9 -10.64 0.30 0.20
H10 D3N B 9 -8.20 0.66 1.89
H11 D3N B 9 -7.55 4.68 0.37
H12 D3N B 9 -9.24 -0.53 -1.63
H13 D3N B 9 -9.89 -0.29 -4.00
H14 D3N B 9 -9.14 1.66 -5.30
H15 D3N B 9 -8.35 3.92 -5.36
H16 D3N B 9 -7.70 5.99 -4.16
H17 D3N B 9 -7.26 5.94 -1.71
O1P D3N A 9 6.85 -5.95 -2.63
P D3N A 9 6.75 -5.48 -1.21
O2P D3N A 9 7.09 -6.43 -0.14
O5' D3N A 9 7.67 -4.16 -1.07
C5' D3N A 9 7.45 -3.02 -1.88
C4' D3N A 9 8.12 -1.75 -1.37
O4' D3N A 9 7.56 -1.32 -0.15
C3' D3N A 9 9.64 -1.82 -1.16
O3' D3N A 9 10.34 -1.55 -2.36
C2' D3N A 9 9.87 -0.77 -0.06
C1' D3N A 9 8.45 -0.30 0.28
N1 D3N A 9 8.27 0.05 1.71
C2 D3N A 9 8.23 1.41 1.95
O2 D3N A 9 8.60 2.26 1.14
N3 D3N A 9 7.81 1.83 3.18
C4 D3N A 9 7.67 0.98 4.24
C5 D3N A 9 7.89 -0.41 4.05
C6 D3N A 9 8.15 -0.88 2.74
C7 D3N A 9 8.42 -2.26 2.57
C8 D3N A 9 8.47 -3.07 3.72
C9 D3N A 9 8.22 -2.60 5.00
C10 D3N A 9 7.85 -1.26 5.17
C11 D3N A 9 7.63 -0.75 6.45
C12 D3N A 9 7.44 0.63 6.62
C13 D3N A 9 7.46 1.50 5.52
H3 D3N A 9 6.39 -2.82 -1.99
H4 D3N A 9 7.85 -3.23 -2.88
H5 D3N A 9 7.94 -0.96 -2.09
H6 D3N A 9 9.89 -2.80 -0.76
H8 D3N A 9 10.46 0.07 -0.42
H9 D3N A 9 10.35 -1.23 0.82
H10 D3N A 9 8.27 0.59 -0.32
H11 D3N A 9 7.84 2.83 3.34
H12 D3N A 9 8.51 -2.72 1.61
H13 D3N A 9 8.74 -4.12 3.64
H14 D3N A 9 8.17 -3.28 5.84
H15 D3N A 9 7.49 -1.44 7.26
H16 D3N A 9 7.28 1.04 7.60
H17 D3N A 9 7.31 2.56 5.69
O1P D3N B 9 -7.90 -5.26 -3.05
P D3N B 9 -7.66 -3.92 -3.63
O2P D3N B 9 -8.01 -3.64 -5.04
O5' D3N B 9 -8.44 -2.84 -2.70
C5' D3N B 9 -8.17 -2.73 -1.29
C4' D3N B 9 -8.65 -1.45 -0.62
O4' D3N B 9 -8.00 -0.28 -1.13
C3' D3N B 9 -10.15 -1.15 -0.75
O3' D3N B 9 -10.85 -1.83 0.28
C2' D3N B 9 -10.21 0.37 -0.70
C1' D3N B 9 -8.74 0.82 -0.62
N1 D3N B 9 -8.45 2.10 -1.32
C2 D3N B 9 -8.29 3.17 -0.45
O2 D3N B 9 -8.60 3.16 0.73
N3 D3N B 9 -7.76 4.31 -0.99
C4 D3N B 9 -7.67 4.54 -2.34
C5 D3N B 9 -8.10 3.53 -3.21
C6 D3N B 9 -8.49 2.27 -2.71
C7 D3N B 9 -8.83 1.24 -3.61
C8 D3N B 9 -8.96 1.55 -4.98
C9 D3N B 9 -8.64 2.82 -5.49
C10 D3N B 9 -8.14 3.79 -4.60
C11 D3N B 9 -7.80 5.05 -5.09
C12 D3N B 9 -7.39 6.07 -4.21
C13 D3N B 9 -7.28 5.80 -2.84
H3 D3N B 9 -7.09 -2.77 -1.12
H4 D3N B 9 -8.59 -3.59 -0.76
H5 D3N B 9 -8.43 -1.55 0.44
H6 D3N B 9 -10.46 -1.51 -1.74
H8 D3N B 9 -10.75 0.77 0.17
H9 D3N B 9 -10.68 0.74 -1.61
H10 D3N B 9 -8.46 0.90 0.43
H11 D3N B 9 -7.60 5.07 -0.33
H12 D3N B 9 -8.95 0.21 -3.29
H13 D3N B 9 -9.37 0.81 -5.64
H14 D3N B 9 -8.70 3.02 -6.56
H15 D3N B 9 -7.76 5.24 -6.15
H16 D3N B 9 -7.13 7.05 -4.58
H17 D3N B 9 -6.91 6.57 -2.20
O1P D3N A 9 5.94 -7.22 -0.32
P D3N A 9 5.92 -6.44 0.94
O2P D3N A 9 6.23 -7.13 2.21
O5' D3N A 9 6.93 -5.18 0.79
C5' D3N A 9 6.82 -4.26 -0.29
C4' D3N A 9 7.58 -2.94 -0.07
O4' D3N A 9 7.06 -2.18 1.01
C3' D3N A 9 9.08 -3.12 0.22
O3' D3N A 9 9.80 -3.21 -1.01
C2' D3N A 9 9.40 -1.85 1.03
C1' D3N A 9 8.03 -1.19 1.22
N1 D3N A 9 7.85 -0.54 2.55
C2 D3N A 9 7.97 0.83 2.50
O2 D3N A 9 8.37 1.47 1.56
N3 D3N A 9 7.63 1.50 3.64
C4 D3N A 9 7.42 0.90 4.85
C5 D3N A 9 7.56 -0.49 4.93
C6 D3N A 9 7.78 -1.25 3.76
C7 D3N A 9 7.89 -2.64 3.88
C8 D3N A 9 7.94 -3.24 5.14
C9 D3N A 9 7.67 -2.48 6.29
C10 D3N A 9 7.49 -1.10 6.20
C11 D3N A 9 7.26 -0.30 7.33
C12 D3N A 9 7.12 1.08 7.24
C13 D3N A 9 7.21 1.71 5.99
H3 D3N A 9 5.77 -3.98 -0.42
H4 D3N A 9 7.15 -4.70 -1.22
H5 D3N A 9 7.49 -2.35 -0.98
H6 D3N A 9 9.24 -4.01 0.82
H8 D3N A 9 10.04 -1.18 0.44
H9 D3N A 9 9.85 -2.13 1.98
H10 D3N A 9 7.90 -0.46 0.44
H11 D3N A 9 7.67 2.51 3.59
H12 D3N A 9 7.90 -3.26 2.99
H13 D3N A 9 8.16 -4.29 5.22
H14 D3N A 9 7.68 -2.96 7.26
H15 D3N A 9 7.22 -0.78 8.30
H16 D3N A 9 6.91 1.67 8.12
H17 D3N A 9 7.08 2.77 5.90
O1P D3N B 9 -8.71 -5.10 -0.95
P D3N B 9 -8.45 -3.86 -1.73
O2P D3N B 9 -8.87 -3.76 -3.14
O5' D3N B 9 -9.13 -2.62 -0.93
C5' D3N B 9 -8.87 -2.32 0.44
C4' D3N B 9 -9.26 -0.90 0.88
O4' D3N B 9 -8.50 0.13 0.25
C3' D3N B 9 -10.73 -0.55 0.61
O3' D3N B 9 -11.56 -1.05 1.66
C2' D3N B 9 -10.67 0.98 0.52
C1' D3N B 9 -9.18 1.32 0.54
N1 D3N B 9 -8.80 2.41 -0.39
C2 D3N B 9 -8.51 3.62 0.21
O2 D3N B 9 -8.73 3.87 1.39
N3 D3N B 9 -7.91 4.58 -0.55
C4 D3N B 9 -7.83 4.51 -1.92
C5 D3N B 9 -8.31 3.36 -2.57
C6 D3N B 9 -8.77 2.27 -1.80
C7 D3N B 9 -9.25 1.14 -2.48
C8 D3N B 9 -9.43 1.17 -3.88
C9 D3N B 9 -8.93 2.25 -4.65
C10 D3N B 9 -8.35 3.33 -3.98
C11 D3N B 9 -7.94 4.43 -4.72
C12 D3N B 9 -7.41 5.55 -4.07
C13 D3N B 9 -7.32 5.59 -2.67
H3 D3N B 9 -7.79 -2.40 0.64
H4 D3N B 9 -9.41 -3.04 1.05
H5 D3N B 9 -9.10 -0.85 1.96
H6 D3N B 9 -11.04 -0.95 -0.36
H8 D3N B 9 -11.18 1.45 1.36
H9 D3N B 9 -11.15 1.31 -0.40
H10 D3N B 9 -8.92 1.61 1.56
H11 D3N B 9 -7.62 5.41 -0.06
H12 D3N B 9 -9.39 0.19 -1.99
H13 D3N B 9 -9.94 0.37 -4.39
H14 D3N B 9 -9.07 2.27 -5.72
H15 D3N B 9 -7.96 4.39 -5.80
H16 D3N B 9 -7.07 6.37 -4.66
H17 D3N B 9 -6.94 6.48 -2.19
O1P D3N A 9 4.93 -7.99 2.36
P D3N A 9 4.91 -6.93 3.39
O2P D3N A 9 5.03 -7.33 4.81
O5' D3N A 9 6.05 -5.84 3.06
C5' D3N A 9 6.07 -5.13 1.81
C4' D3N A 9 6.98 -3.89 1.83
O4' D3N A 9 6.46 -2.86 2.67
C3' D3N A 9 8.42 -4.12 2.24
O3' D3N A 9 9.23 -4.52 1.16
C2' D3N A 9 8.80 -2.75 2.84
C1' D3N A 9 7.50 -1.93 2.81
N1 D3N A 9 7.36 -1.00 3.97
C2 D3N A 9 7.60 0.34 3.66
O2 D3N A 9 8.08 0.75 2.61
N3 D3N A 9 7.26 1.24 4.63
C4 D3N A 9 7.01 0.92 5.93
C5 D3N A 9 6.97 -0.43 6.29
C6 D3N A 9 7.11 -1.42 5.29
C7 D3N A 9 7.09 -2.77 5.72
C8 D3N A 9 6.99 -3.09 7.09
C9 D3N A 9 6.71 -2.10 8.02
C10 D3N A 9 6.77 -0.76 7.64
C11 D3N A 9 6.64 0.24 8.61
C12 D3N A 9 6.66 1.60 8.23
C13 D3N A 9 6.77 1.92 6.88
H3 D3N A 9 5.07 -4.82 1.55
H4 D3N A 9 6.43 -5.78 1.01
H5 D3N A 9 7.02 -3.48 0.83
H6 D3N A 9 8.44 -4.89 3.02
H8 D3N A 9 9.55 -2.25 2.23
H9 D3N A 9 9.16 -2.86 3.86
H10 D3N A 9 7.54 -1.37 1.86
H11 D3N A 9 7.40 2.20 4.37
H12 D3N A 9 7.10 -3.60 5.01
H13 D3N A 9 6.98 -4.13 7.40
H14 D3N A 9 6.64 -2.35 9.07
H15 D3N A 9 6.51 -0.02 9.65
H16 D3N A 9 6.52 2.35 8.98
H17 D3N A 9 6.67 2.95 6.56
O1P D3N B 9 -9.57 -4.83 0.51
P D3N B 9 -9.13 -3.80 -0.48
O2P D3N B 9 -9.49 -4.00 -1.91
O5' D3N B 9 -9.67 -2.36 0.00
C5' D3N B 9 -9.41 -1.90 1.32
C4' D3N B 9 -9.59 -0.40 1.51
O4' D3N B 9 -8.74 0.36 0.65
C3' D3N B 9 -11.04 0.07 1.22
O3' D3N B 9 -11.85 -0.06 2.37
C2' D3N B 9 -10.80 1.51 0.80
C1' D3N B 9 -9.27 1.65 0.76
N1 D3N B 9 -8.79 2.55 -0.33
C2 D3N B 9 -8.41 3.82 0.10
O2 D3N B 9 -8.63 4.28 1.20
N3 D3N B 9 -7.76 4.58 -0.80
C4 D3N B 9 -7.67 4.28 -2.15
C5 D3N B 9 -8.25 3.10 -2.62
C6 D3N B 9 -8.80 2.19 -1.69
C7 D3N B 9 -9.42 1.03 -2.20
C8 D3N B 9 -9.57 0.83 -3.59
C9 D3N B 9 -8.98 1.72 -4.49
C10 D3N B 9 -8.29 2.85 -4.01
C11 D3N B 9 -7.75 3.78 -4.91
C12 D3N B 9 -7.20 4.96 -4.42
C13 D3N B 9 -7.14 5.22 -3.05
H3 D3N B 9 -8.38 -2.13 1.57
H4 D3N B 9 -10.06 -2.42 2.03
H5 D3N B 9 -9.37 -0.14 2.54
H6 D3N B 9 -11.45 -0.52 0.41
H8 D3N B 9 -11.20 2.22 1.51
H9 D3N B 9 -11.22 1.68 -0.19
H10 D3N B 9 -8.98 2.03 1.74
H11 D3N B 9 -7.45 5.49 -0.48
H12 D3N B 9 -9.64 0.20 -1.53
H13 D3N B 9 -10.12 -0.01 -3.98
H14 D3N B 9 -9.10 1.62 -5.56
H15 D3N B 9 -7.70 3.53 -5.96
H16 D3N B 9 -6.82 5.71 -5.10
H17 D3N B 9 -6.68 6.13 -2.71
O1P D3N A 9 6.15 -7.47 0.31
P D3N A 9 5.76 -6.81 1.57
O2P D3N A 9 5.72 -7.59 2.84
O5' D3N A 9 6.76 -5.56 1.80
C5' D3N A 9 6.91 -4.57 0.78
C4' D3N A 9 7.65 -3.33 1.30
O4' D3N A 9 6.87 -2.65 2.29
C3' D3N A 9 9.04 -3.58 1.91
O3' D3N A 9 10.03 -3.54 0.89
C2' D3N A 9 9.16 -2.42 2.90
C1' D3N A 9 7.79 -1.72 2.82
N1 D3N A 9 7.34 -1.14 4.12
C2 D3N A 9 7.41 0.25 4.20
O2 D3N A 9 8.03 0.94 3.42
N3 D3N A 9 6.73 0.85 5.21
C4 D3N A 9 6.24 0.17 6.29
C5 D3N A 9 6.28 -1.22 6.28
C6 D3N A 9 6.82 -1.90 5.18
C7 D3N A 9 6.91 -3.32 5.22
C8 D3N A 9 6.54 -4.01 6.39
C9 D3N A 9 5.97 -3.33 7.46
C10 D3N A 9 5.82 -1.93 7.42
C11 D3N A 9 5.30 -1.25 8.54
C12 D3N A 9 5.27 0.15 8.51
C13 D3N A 9 5.70 0.87 7.39
H3 D3N A 9 5.94 -4.23 0.43
H4 D3N A 9 7.48 -4.99 -0.05
H5 D3N A 9 7.77 -2.64 0.46
H6 D3N A 9 9.02 -4.54 2.42
H8 D3N A 9 9.94 -1.71 2.61
H9 D3N A 9 9.32 -2.80 3.90
H10 D3N A 9 7.86 -0.93 2.08
H11 D3N A 9 6.78 1.85 5.22
H12 D3N A 9 7.14 -3.88 4.33
H13 D3N A 9 6.66 -5.08 6.44
H14 D3N A 9 5.62 -3.88 8.32
H15 D3N A 9 4.86 -1.80 9.36
H16 D3N A 9 4.88 0.69 9.37
H17 D3N A 9 5.56 1.94 7.36
O1P D3N B 9 -7.91 -4.19 -4.65
P D3N B 9 -7.35 -2.93 -5.14
O2P D3N B 9 -7.37 -2.64 -6.61
O5' D3N B 9 -8.11 -1.71 -4.37
C5' D3N B 9 -8.16 -1.65 -2.96
C4' D3N B 9 -8.59 -0.28 -2.43
O4' D3N B 9 -7.66 0.74 -2.79
C3' D3N B 9 -9.93 0.18 -2.97
O3' D3N B 9 -11.03 -0.27 -2.18
C2' D3N B 9 -9.77 1.70 -2.91
C1' D3N B 9 -8.33 1.93 -2.50
N1 D3N B 9 -7.72 3.11 -3.15
C2 D3N B 9 -7.62 4.21 -2.32
O2 D3N B 9 -8.25 4.33 -1.27
N3 D3N B 9 -6.80 5.22 -2.72
C4 D3N B 9 -6.27 5.31 -3.98
C5 D3N B 9 -6.58 4.30 -4.91
C6 D3N B 9 -7.30 3.16 -4.49
C7 D3N B 9 -7.69 2.22 -5.47
C8 D3N B 9 -7.38 2.44 -6.82
C9 D3N B 9 -6.61 3.52 -7.21
C10 D3N B 9 -6.23 4.48 -6.26
C11 D3N B 9 -5.60 5.66 -6.69
C12 D3N B 9 -5.23 6.62 -5.75
C13 D3N B 9 -5.55 6.44 -4.40
H3 D3N B 9 -7.19 -1.88 -2.53
H4 D3N B 9 -8.87 -2.38 -2.60
H5 D3N B 9 -8.63 -0.34 -1.34
H6 D3N B 9 -10.04 -0.09 -4.02
H8 D3N B 9 -10.43 2.15 -2.16
H9 D3N B 9 -9.94 2.12 -3.91
H10 D3N B 9 -8.31 2.03 -1.41
H11 D3N B 9 -6.71 5.99 -2.07
H12 D3N B 9 -8.13 1.29 -5.15
H13 D3N B 9 -7.77 1.77 -7.56
H14 D3N B 9 -6.40 3.70 -8.26
H15 D3N B 9 -5.33 5.79 -7.73
H16 D3N B 9 -4.71 7.52 -6.05
H17 D3N B 9 -5.33 7.21 -3.67
#